data_6H91
#
_entry.id   6H91
#
_cell.length_a   38.330
_cell.length_b   117.230
_cell.length_c   52.930
_cell.angle_alpha   90.00
_cell.angle_beta   97.75
_cell.angle_gamma   90.00
#
_symmetry.space_group_name_H-M   'P 1 21 1'
#
loop_
_entity.id
_entity.type
_entity.pdbx_description
1 polymer Beta-phosphoglucomutase
2 non-polymer 'MAGNESIUM ION'
3 non-polymer ACETYLPHOSPHATE
4 non-polymer 1,2-ETHANEDIOL
5 water water
#
_entity_poly.entity_id   1
_entity_poly.type   'polypeptide(L)'
_entity_poly.pdbx_seq_one_letter_code
;MFKAVLF(PHD)LDGVITDTAEYHFRAWKALAEEIGINGVDRQFNEQLKGVSREDSLQKILDLADKKVSAEEFKELAKRK
NDNYVKMIQDVSPADVYPGILQLLKDLRSNKIKIALASASKNGPFLLERMNLTGYFDAIADPAEVAASKPAPDIFIAAAH
AVGVAPSESIGLEDSQAGIQAIKDSGALPIGVGRPEDLGDDIVIVPDTSHYTLEFLKEVWLQKQK
;
_entity_poly.pdbx_strand_id   A,B
#
loop_
_chem_comp.id
_chem_comp.type
_chem_comp.name
_chem_comp.formula
EDO non-polymer 1,2-ETHANEDIOL 'C2 H6 O2'
MG non-polymer 'MAGNESIUM ION' 'Mg 2'
UVW non-polymer ACETYLPHOSPHATE 'C2 H5 O5 P'
#
# COMPACT_ATOMS: atom_id res chain seq x y z
N MET A 1 -27.11 19.67 -0.84
CA MET A 1 -26.19 18.81 -0.03
C MET A 1 -26.49 17.33 -0.22
N PHE A 2 -25.46 16.50 -0.07
CA PHE A 2 -25.65 15.04 -0.13
C PHE A 2 -26.64 14.56 0.94
N LYS A 3 -27.39 13.52 0.58
CA LYS A 3 -28.50 13.03 1.41
C LYS A 3 -28.15 11.72 2.12
N ALA A 4 -27.25 10.93 1.52
CA ALA A 4 -26.80 9.70 2.13
C ALA A 4 -25.29 9.54 2.10
N VAL A 5 -24.78 8.71 3.00
CA VAL A 5 -23.44 8.10 2.84
C VAL A 5 -23.56 6.56 2.87
N LEU A 6 -22.83 5.97 1.92
CA LEU A 6 -22.84 4.55 1.65
C LEU A 6 -21.42 4.03 2.00
N PHE A 7 -21.41 3.17 3.02
CA PHE A 7 -20.19 2.68 3.63
C PHE A 7 -19.85 1.29 3.12
N PHD A 8 -18.63 1.15 2.63
CA PHD A 8 -17.99 -0.14 2.55
C PHD A 8 -17.74 -0.53 4.00
O PHD A 8 -17.79 0.36 4.86
CB PHD A 8 -16.73 0.04 1.70
CG PHD A 8 -16.03 -1.27 1.51
OD1 PHD A 8 -16.82 -2.49 1.25
OD2 PHD A 8 -14.81 -1.24 1.57
P PHD A 8 -16.38 -4.02 1.58
OP1 PHD A 8 -14.89 -4.06 1.69
OP2 PHD A 8 -16.96 -4.40 2.90
OP3 PHD A 8 -16.98 -4.71 0.36
N LEU A 9 -17.49 -1.81 4.30
CA LEU A 9 -17.16 -2.26 5.67
C LEU A 9 -15.66 -2.50 5.86
N ASP A 10 -15.15 -3.58 5.29
CA ASP A 10 -13.74 -3.91 5.37
C ASP A 10 -12.88 -2.82 4.74
N GLY A 11 -11.88 -2.34 5.50
CA GLY A 11 -10.95 -1.30 5.05
C GLY A 11 -11.47 0.12 5.14
N VAL A 12 -12.71 0.28 5.62
CA VAL A 12 -13.31 1.58 5.83
C VAL A 12 -13.85 1.70 7.26
N ILE A 13 -14.83 0.87 7.63
CA ILE A 13 -15.31 0.81 9.01
C ILE A 13 -14.34 -0.03 9.88
N THR A 14 -13.86 -1.17 9.36
CA THR A 14 -12.97 -2.07 10.15
C THR A 14 -12.22 -3.07 9.26
N ASP A 15 -11.49 -4.02 9.89
CA ASP A 15 -10.69 -5.04 9.19
C ASP A 15 -11.24 -6.45 9.39
N THR A 16 -11.77 -7.03 8.30
CA THR A 16 -12.14 -8.47 8.17
C THR A 16 -11.13 -9.24 7.34
N ALA A 17 -10.41 -8.57 6.44
CA ALA A 17 -9.33 -9.18 5.66
C ALA A 17 -8.40 -10.03 6.54
N GLU A 18 -8.06 -9.49 7.71
CA GLU A 18 -7.15 -10.16 8.65
C GLU A 18 -7.64 -11.55 9.05
N TYR A 19 -8.95 -11.66 9.26
CA TYR A 19 -9.54 -12.89 9.75
C TYR A 19 -9.69 -13.85 8.60
N HIS A 20 -9.98 -13.33 7.40
CA HIS A 20 -10.07 -14.21 6.21
C HIS A 20 -8.73 -14.86 5.94
N PHE A 21 -7.67 -14.03 5.97
CA PHE A 21 -6.30 -14.51 5.81
C PHE A 21 -5.91 -15.64 6.81
N ARG A 22 -6.16 -15.43 8.10
CA ARG A 22 -5.86 -16.48 9.08
C ARG A 22 -6.69 -17.73 8.82
N ALA A 23 -7.94 -17.55 8.40
CA ALA A 23 -8.79 -18.69 8.04
C ALA A 23 -8.12 -19.50 6.95
N TRP A 24 -7.68 -18.82 5.89
CA TRP A 24 -7.04 -19.50 4.77
C TRP A 24 -5.68 -20.13 5.14
N LYS A 25 -4.90 -19.39 5.94
CA LYS A 25 -3.59 -19.83 6.44
C LYS A 25 -3.75 -21.07 7.33
N ALA A 26 -4.61 -20.96 8.32
CA ALA A 26 -4.97 -22.12 9.15
C ALA A 26 -5.42 -23.33 8.35
N LEU A 27 -6.14 -23.13 7.24
CA LEU A 27 -6.52 -24.26 6.38
C LEU A 27 -5.33 -24.87 5.62
N ALA A 28 -4.55 -24.03 4.95
CA ALA A 28 -3.44 -24.52 4.13
C ALA A 28 -2.42 -25.33 4.94
N GLU A 29 -2.09 -24.84 6.14
CA GLU A 29 -1.19 -25.51 7.10
C GLU A 29 -1.72 -26.89 7.50
N GLU A 30 -2.98 -26.88 7.93
CA GLU A 30 -3.76 -28.07 8.29
C GLU A 30 -3.76 -29.19 7.24
N ILE A 31 -3.62 -28.88 5.95
CA ILE A 31 -3.57 -29.92 4.91
C ILE A 31 -2.26 -29.98 4.12
N GLY A 32 -1.18 -29.50 4.75
CA GLY A 32 0.19 -29.66 4.23
C GLY A 32 0.79 -28.53 3.41
N ILE A 33 -0.02 -27.57 2.98
CA ILE A 33 0.42 -26.60 1.97
C ILE A 33 1.16 -25.43 2.64
N ASN A 34 2.31 -25.09 2.04
CA ASN A 34 3.11 -23.92 2.42
C ASN A 34 2.85 -22.78 1.42
N GLY A 35 3.16 -21.56 1.84
CA GLY A 35 3.17 -20.38 0.96
C GLY A 35 1.95 -19.47 1.04
N VAL A 36 1.06 -19.73 2.00
CA VAL A 36 -0.15 -18.91 2.18
C VAL A 36 0.15 -17.88 3.27
N ASP A 37 0.97 -16.91 2.85
CA ASP A 37 1.39 -15.78 3.67
C ASP A 37 0.63 -14.53 3.20
N ARG A 38 0.84 -13.40 3.87
CA ARG A 38 0.06 -12.19 3.56
C ARG A 38 0.25 -11.68 2.13
N GLN A 39 1.45 -11.87 1.61
CA GLN A 39 1.77 -11.60 0.21
C GLN A 39 0.85 -12.35 -0.79
N PHE A 40 0.76 -13.65 -0.62
CA PHE A 40 -0.08 -14.51 -1.44
C PHE A 40 -1.57 -14.19 -1.25
N ASN A 41 -1.95 -13.81 -0.04
CA ASN A 41 -3.33 -13.40 0.27
C ASN A 41 -3.83 -12.18 -0.55
N GLU A 42 -2.93 -11.42 -1.16
CA GLU A 42 -3.33 -10.37 -2.08
C GLU A 42 -4.03 -10.93 -3.33
N GLN A 43 -3.68 -12.16 -3.72
CA GLN A 43 -4.39 -12.90 -4.80
C GLN A 43 -5.81 -13.46 -4.42
N LEU A 44 -6.08 -13.59 -3.11
CA LEU A 44 -7.39 -14.02 -2.56
C LEU A 44 -8.36 -12.89 -2.16
N LYS A 45 -7.98 -11.62 -2.34
CA LYS A 45 -8.68 -10.52 -1.67
C LYS A 45 -10.17 -10.38 -2.00
N GLY A 46 -10.50 -9.94 -3.21
CA GLY A 46 -11.89 -9.80 -3.60
C GLY A 46 -12.48 -11.04 -4.28
N VAL A 47 -11.86 -12.20 -4.11
CA VAL A 47 -12.12 -13.35 -4.96
C VAL A 47 -13.12 -14.27 -4.25
N SER A 48 -13.82 -15.11 -5.00
CA SER A 48 -14.78 -16.05 -4.40
C SER A 48 -14.07 -17.15 -3.60
N ARG A 49 -14.82 -17.77 -2.70
CA ARG A 49 -14.30 -18.81 -1.83
C ARG A 49 -13.73 -19.99 -2.66
N GLU A 50 -14.45 -20.37 -3.70
CA GLU A 50 -14.04 -21.50 -4.57
C GLU A 50 -12.78 -21.16 -5.36
N ASP A 51 -12.77 -19.95 -5.89
CA ASP A 51 -11.64 -19.44 -6.65
C ASP A 51 -10.39 -19.36 -5.78
N SER A 52 -10.55 -18.88 -4.53
CA SER A 52 -9.43 -18.82 -3.57
C SER A 52 -8.84 -20.20 -3.24
N LEU A 53 -9.73 -21.17 -2.99
CA LEU A 53 -9.35 -22.54 -2.63
C LEU A 53 -8.58 -23.22 -3.77
N GLN A 54 -9.01 -23.01 -5.02
CA GLN A 54 -8.22 -23.44 -6.18
C GLN A 54 -6.78 -22.94 -6.06
N LYS A 55 -6.62 -21.64 -5.82
CA LYS A 55 -5.30 -20.99 -5.83
C LYS A 55 -4.41 -21.49 -4.70
N ILE A 56 -5.01 -21.83 -3.55
CA ILE A 56 -4.27 -22.47 -2.47
C ILE A 56 -3.93 -23.91 -2.85
N LEU A 57 -4.89 -24.65 -3.41
CA LEU A 57 -4.61 -26.00 -3.90
C LEU A 57 -3.55 -26.05 -5.03
N ASP A 58 -3.57 -25.09 -5.96
CA ASP A 58 -2.57 -25.02 -7.03
C ASP A 58 -1.13 -24.81 -6.54
N LEU A 59 -0.95 -24.21 -5.36
CA LEU A 59 0.38 -24.06 -4.74
C LEU A 59 1.17 -25.37 -4.56
N ALA A 60 0.52 -26.42 -4.06
CA ALA A 60 1.13 -27.73 -3.85
C ALA A 60 0.80 -28.76 -4.95
N ASP A 61 0.00 -28.34 -5.93
CA ASP A 61 -0.66 -29.23 -6.87
C ASP A 61 -1.35 -30.40 -6.15
N LYS A 62 -2.24 -30.06 -5.21
CA LYS A 62 -3.06 -31.04 -4.48
C LYS A 62 -4.35 -31.33 -5.26
N LYS A 63 -4.69 -32.62 -5.36
CA LYS A 63 -5.89 -33.08 -6.05
C LYS A 63 -6.95 -33.28 -4.97
N VAL A 64 -8.19 -32.90 -5.27
CA VAL A 64 -9.29 -33.12 -4.35
C VAL A 64 -10.55 -33.54 -5.11
N SER A 65 -11.40 -34.30 -4.43
CA SER A 65 -12.74 -34.61 -4.93
C SER A 65 -13.64 -33.43 -4.69
N ALA A 66 -14.75 -33.40 -5.43
CA ALA A 66 -15.75 -32.33 -5.37
C ALA A 66 -16.37 -32.18 -3.98
N GLU A 67 -16.50 -33.29 -3.24
CA GLU A 67 -17.06 -33.27 -1.88
C GLU A 67 -15.98 -32.82 -0.89
N GLU A 68 -14.73 -33.17 -1.18
CA GLU A 68 -13.53 -32.81 -0.42
C GLU A 68 -13.26 -31.30 -0.54
N PHE A 69 -13.43 -30.79 -1.76
CA PHE A 69 -13.43 -29.35 -2.06
C PHE A 69 -14.44 -28.56 -1.24
N LYS A 70 -15.71 -28.99 -1.30
CA LYS A 70 -16.78 -28.24 -0.62
C LYS A 70 -16.69 -28.30 0.89
N GLU A 71 -16.05 -29.34 1.42
CA GLU A 71 -15.82 -29.49 2.86
C GLU A 71 -14.67 -28.57 3.27
N LEU A 72 -13.60 -28.54 2.49
CA LEU A 72 -12.53 -27.55 2.69
C LEU A 72 -13.06 -26.09 2.66
N ALA A 73 -13.91 -25.78 1.70
CA ALA A 73 -14.55 -24.45 1.62
C ALA A 73 -15.35 -24.10 2.90
N LYS A 74 -16.26 -24.99 3.27
CA LYS A 74 -17.01 -24.94 4.53
C LYS A 74 -16.09 -24.78 5.75
N ARG A 75 -15.06 -25.63 5.84
CA ARG A 75 -14.15 -25.60 6.98
C ARG A 75 -13.42 -24.25 7.12
N LYS A 76 -13.05 -23.60 6.00
CA LYS A 76 -12.48 -22.25 6.09
C LYS A 76 -13.52 -21.32 6.62
N ASN A 77 -14.71 -21.38 6.04
CA ASN A 77 -15.76 -20.50 6.48
C ASN A 77 -16.12 -20.64 7.97
N ASP A 78 -16.37 -21.86 8.41
CA ASP A 78 -16.59 -22.14 9.83
C ASP A 78 -15.53 -21.43 10.68
N ASN A 79 -14.27 -21.55 10.27
CA ASN A 79 -13.13 -20.93 10.98
C ASN A 79 -13.33 -19.44 11.06
N TYR A 80 -13.56 -18.84 9.90
CA TYR A 80 -13.79 -17.40 9.80
C TYR A 80 -14.91 -16.92 10.72
N VAL A 81 -16.06 -17.59 10.69
CA VAL A 81 -17.16 -17.27 11.61
C VAL A 81 -16.75 -17.35 13.09
N LYS A 82 -16.05 -18.41 13.47
CA LYS A 82 -15.50 -18.50 14.85
C LYS A 82 -14.65 -17.27 15.18
N MET A 83 -13.80 -16.89 14.23
CA MET A 83 -12.80 -15.85 14.41
C MET A 83 -13.36 -14.44 14.53
N ILE A 84 -14.44 -14.12 13.79
CA ILE A 84 -15.08 -12.79 13.94
C ILE A 84 -16.01 -12.63 15.16
N GLN A 85 -16.01 -13.60 16.09
CA GLN A 85 -16.79 -13.52 17.33
C GLN A 85 -16.19 -12.54 18.34
N ASP A 86 -14.90 -12.26 18.23
CA ASP A 86 -14.23 -11.34 19.14
C ASP A 86 -14.24 -9.91 18.64
N VAL A 87 -15.02 -9.62 17.61
CA VAL A 87 -15.07 -8.27 17.07
C VAL A 87 -15.78 -7.41 18.11
N SER A 88 -15.21 -6.23 18.37
CA SER A 88 -15.71 -5.33 19.38
C SER A 88 -15.71 -3.89 18.85
N PRO A 89 -16.35 -2.96 19.59
CA PRO A 89 -16.27 -1.57 19.19
C PRO A 89 -14.82 -1.04 19.18
N ALA A 90 -13.90 -1.74 19.87
CA ALA A 90 -12.47 -1.45 19.81
C ALA A 90 -11.84 -1.55 18.43
N ASP A 91 -12.52 -2.27 17.52
CA ASP A 91 -12.07 -2.50 16.14
C ASP A 91 -12.59 -1.49 15.11
N VAL A 92 -13.45 -0.55 15.53
CA VAL A 92 -13.98 0.50 14.65
C VAL A 92 -12.82 1.44 14.29
N TYR A 93 -12.60 1.59 13.00
CA TYR A 93 -11.52 2.42 12.51
C TYR A 93 -11.59 3.87 13.01
N PRO A 94 -10.46 4.58 13.01
CA PRO A 94 -10.43 5.93 13.56
C PRO A 94 -11.30 6.96 12.82
N GLY A 95 -12.02 7.78 13.58
CA GLY A 95 -12.85 8.84 13.03
C GLY A 95 -14.23 8.39 12.59
N ILE A 96 -14.47 7.05 12.58
CA ILE A 96 -15.63 6.46 11.91
C ILE A 96 -16.89 6.56 12.78
N LEU A 97 -16.80 6.25 14.05
CA LEU A 97 -17.96 6.41 14.93
C LEU A 97 -18.39 7.86 14.94
N GLN A 98 -17.42 8.75 15.03
CA GLN A 98 -17.67 10.18 15.06
C GLN A 98 -18.33 10.67 13.76
N LEU A 99 -17.84 10.19 12.62
CA LEU A 99 -18.50 10.50 11.35
C LEU A 99 -19.99 10.06 11.37
N LEU A 100 -20.25 8.84 11.87
CA LEU A 100 -21.62 8.33 11.96
C LEU A 100 -22.52 9.19 12.86
N LYS A 101 -22.07 9.50 14.09
CA LYS A 101 -22.86 10.37 14.98
C LYS A 101 -23.22 11.72 14.31
N ASP A 102 -22.24 12.32 13.61
CA ASP A 102 -22.43 13.62 12.98
C ASP A 102 -23.40 13.55 11.79
N LEU A 103 -23.24 12.52 10.97
CA LEU A 103 -24.13 12.29 9.83
C LEU A 103 -25.55 12.12 10.32
N ARG A 104 -25.69 11.36 11.40
CA ARG A 104 -26.98 11.05 12.00
C ARG A 104 -27.66 12.32 12.49
N SER A 105 -26.97 13.09 13.34
CA SER A 105 -27.52 14.35 13.88
C SER A 105 -27.73 15.42 12.79
N ASN A 106 -27.03 15.31 11.66
CA ASN A 106 -27.35 16.14 10.46
C ASN A 106 -28.43 15.51 9.54
N LYS A 107 -29.15 14.48 10.03
CA LYS A 107 -30.20 13.76 9.26
C LYS A 107 -29.76 13.23 7.90
N ILE A 108 -28.51 12.81 7.79
CA ILE A 108 -27.99 12.25 6.56
C ILE A 108 -28.15 10.75 6.73
N LYS A 109 -28.70 10.12 5.69
CA LYS A 109 -29.03 8.70 5.72
C LYS A 109 -27.73 7.90 5.71
N ILE A 110 -27.74 6.74 6.36
CA ILE A 110 -26.54 5.91 6.45
C ILE A 110 -26.89 4.50 5.99
N ALA A 111 -26.06 3.98 5.07
CA ALA A 111 -26.28 2.69 4.39
C ALA A 111 -24.97 1.92 4.26
N LEU A 112 -25.04 0.61 4.38
CA LEU A 112 -23.86 -0.25 4.24
C LEU A 112 -23.96 -0.86 2.85
N ALA A 113 -22.86 -0.79 2.13
CA ALA A 113 -22.73 -1.26 0.78
C ALA A 113 -21.49 -2.15 0.78
N SER A 114 -21.60 -3.30 1.47
CA SER A 114 -20.48 -4.21 1.69
C SER A 114 -20.69 -5.57 1.08
N ALA A 115 -19.59 -6.14 0.62
CA ALA A 115 -19.51 -7.53 0.19
C ALA A 115 -19.62 -8.55 1.36
N SER A 116 -19.36 -8.13 2.60
CA SER A 116 -19.45 -9.06 3.75
C SER A 116 -20.85 -9.69 3.91
N LYS A 117 -20.93 -11.01 3.73
CA LYS A 117 -22.12 -11.78 4.12
C LYS A 117 -22.44 -11.66 5.62
N ASN A 118 -21.51 -11.12 6.40
CA ASN A 118 -21.67 -10.91 7.83
C ASN A 118 -21.80 -9.45 8.28
N GLY A 119 -22.22 -8.58 7.36
CA GLY A 119 -22.43 -7.17 7.71
C GLY A 119 -23.22 -6.91 9.00
N PRO A 120 -24.48 -7.39 9.05
CA PRO A 120 -25.33 -7.05 10.19
C PRO A 120 -24.71 -7.50 11.50
N PHE A 121 -24.28 -8.77 11.55
CA PHE A 121 -23.53 -9.30 12.70
C PHE A 121 -22.39 -8.34 13.13
N LEU A 122 -21.52 -8.04 12.18
CA LEU A 122 -20.34 -7.21 12.43
C LEU A 122 -20.70 -5.83 13.00
N LEU A 123 -21.82 -5.26 12.53
CA LEU A 123 -22.28 -3.95 12.95
C LEU A 123 -22.84 -3.94 14.36
N GLU A 124 -23.57 -4.99 14.72
CA GLU A 124 -24.02 -5.22 16.09
C GLU A 124 -22.82 -5.39 17.01
N ARG A 125 -21.88 -6.26 16.63
CA ARG A 125 -20.64 -6.47 17.42
C ARG A 125 -19.82 -5.19 17.70
N MET A 126 -19.90 -4.23 16.76
CA MET A 126 -19.18 -2.97 16.93
C MET A 126 -20.08 -1.89 17.52
N ASN A 127 -21.34 -2.25 17.82
CA ASN A 127 -22.33 -1.36 18.40
C ASN A 127 -22.63 -0.17 17.47
N LEU A 128 -22.81 -0.48 16.18
CA LEU A 128 -23.01 0.54 15.16
C LEU A 128 -24.38 0.49 14.50
N THR A 129 -25.12 -0.59 14.73
CA THR A 129 -26.45 -0.78 14.16
C THR A 129 -27.39 0.45 14.24
N GLY A 130 -27.42 1.10 15.39
CA GLY A 130 -28.31 2.24 15.64
C GLY A 130 -28.06 3.40 14.71
N TYR A 131 -26.85 3.48 14.15
CA TYR A 131 -26.54 4.52 13.18
C TYR A 131 -27.06 4.26 11.77
N PHE A 132 -27.19 2.98 11.40
CA PHE A 132 -27.48 2.54 10.00
C PHE A 132 -28.96 2.40 9.67
N ASP A 133 -29.37 3.13 8.65
CA ASP A 133 -30.74 3.12 8.14
C ASP A 133 -31.03 1.92 7.21
N ALA A 134 -30.08 1.47 6.41
CA ALA A 134 -30.22 0.21 5.62
C ALA A 134 -28.91 -0.56 5.49
N ILE A 135 -29.05 -1.88 5.32
CA ILE A 135 -27.94 -2.73 4.95
C ILE A 135 -28.30 -3.42 3.66
N ALA A 136 -27.53 -3.12 2.62
CA ALA A 136 -27.64 -3.79 1.32
C ALA A 136 -27.18 -5.27 1.41
N ASP A 137 -28.10 -6.16 1.10
CA ASP A 137 -27.82 -7.59 1.16
C ASP A 137 -26.99 -7.95 -0.05
N PRO A 138 -25.77 -8.45 0.17
CA PRO A 138 -25.01 -8.85 -1.02
C PRO A 138 -25.59 -10.11 -1.69
N ALA A 139 -26.39 -10.92 -0.98
CA ALA A 139 -27.13 -12.04 -1.61
C ALA A 139 -28.21 -11.58 -2.59
N GLU A 140 -28.74 -10.38 -2.40
CA GLU A 140 -29.84 -9.84 -3.24
C GLU A 140 -29.38 -9.00 -4.44
N VAL A 141 -28.09 -9.01 -4.78
CA VAL A 141 -27.61 -8.27 -5.96
C VAL A 141 -27.14 -9.26 -7.03
N ALA A 142 -27.53 -9.00 -8.27
CA ALA A 142 -27.16 -9.83 -9.41
C ALA A 142 -25.65 -9.96 -9.58
N ALA A 143 -24.89 -8.89 -9.32
CA ALA A 143 -23.43 -8.92 -9.54
C ALA A 143 -22.66 -8.08 -8.54
N SER A 144 -21.45 -8.53 -8.21
CA SER A 144 -20.66 -7.89 -7.14
C SER A 144 -19.78 -6.79 -7.73
N LYS A 145 -19.16 -6.02 -6.84
CA LYS A 145 -18.21 -4.98 -7.20
C LYS A 145 -17.19 -5.62 -8.18
N PRO A 146 -16.82 -4.98 -9.30
CA PRO A 146 -17.02 -3.53 -9.58
C PRO A 146 -18.35 -3.06 -10.15
N ALA A 147 -19.30 -3.97 -10.34
CA ALA A 147 -20.64 -3.58 -10.73
C ALA A 147 -21.25 -2.64 -9.67
N PRO A 148 -21.99 -1.62 -10.11
CA PRO A 148 -22.59 -0.67 -9.18
C PRO A 148 -23.73 -1.22 -8.28
N ASP A 149 -24.30 -2.37 -8.62
CA ASP A 149 -25.55 -2.91 -8.02
C ASP A 149 -25.76 -2.70 -6.54
N ILE A 150 -24.68 -2.89 -5.78
CA ILE A 150 -24.74 -2.85 -4.33
C ILE A 150 -24.92 -1.41 -3.80
N PHE A 151 -24.21 -0.46 -4.43
CA PHE A 151 -24.32 0.95 -4.07
C PHE A 151 -25.69 1.49 -4.47
N ILE A 152 -26.22 1.01 -5.60
CA ILE A 152 -27.58 1.32 -6.02
C ILE A 152 -28.60 0.84 -5.01
N ALA A 153 -28.44 -0.40 -4.54
CA ALA A 153 -29.36 -0.95 -3.53
C ALA A 153 -29.25 -0.19 -2.19
N ALA A 154 -28.04 0.09 -1.71
CA ALA A 154 -27.85 0.80 -0.45
C ALA A 154 -28.54 2.18 -0.47
N ALA A 155 -28.35 2.89 -1.58
CA ALA A 155 -28.98 4.21 -1.78
C ALA A 155 -30.49 4.06 -1.78
N HIS A 156 -30.97 3.20 -2.67
CA HIS A 156 -32.42 2.95 -2.78
C HIS A 156 -33.04 2.49 -1.50
N ALA A 157 -32.33 1.66 -0.75
CA ALA A 157 -32.83 1.12 0.51
C ALA A 157 -33.10 2.24 1.58
N VAL A 158 -32.35 3.32 1.51
CA VAL A 158 -32.69 4.50 2.31
C VAL A 158 -33.50 5.53 1.53
N GLY A 159 -34.04 5.16 0.37
CA GLY A 159 -34.86 6.09 -0.44
C GLY A 159 -34.18 7.28 -1.10
N VAL A 160 -32.90 7.13 -1.46
CA VAL A 160 -32.24 8.11 -2.35
C VAL A 160 -31.68 7.49 -3.64
N ALA A 161 -31.51 8.33 -4.63
CA ALA A 161 -30.76 8.00 -5.84
C ALA A 161 -29.28 8.06 -5.45
N PRO A 162 -28.44 7.20 -6.04
CA PRO A 162 -27.01 7.28 -5.69
C PRO A 162 -26.34 8.62 -6.05
N SER A 163 -26.85 9.34 -7.06
CA SER A 163 -26.43 10.75 -7.33
C SER A 163 -26.61 11.73 -6.13
N GLU A 164 -27.49 11.41 -5.19
CA GLU A 164 -27.62 12.19 -3.94
C GLU A 164 -26.62 11.75 -2.86
N SER A 165 -25.69 10.84 -3.19
CA SER A 165 -24.92 10.09 -2.18
C SER A 165 -23.38 10.08 -2.39
N ILE A 166 -22.67 10.03 -1.26
CA ILE A 166 -21.25 9.80 -1.27
C ILE A 166 -21.00 8.32 -0.96
N GLY A 167 -20.10 7.70 -1.72
CA GLY A 167 -19.61 6.35 -1.39
C GLY A 167 -18.23 6.42 -0.77
N LEU A 168 -17.96 5.60 0.25
CA LEU A 168 -16.62 5.51 0.85
C LEU A 168 -16.07 4.09 0.68
N GLU A 169 -14.89 3.99 0.08
CA GLU A 169 -14.29 2.70 -0.32
C GLU A 169 -12.79 2.64 -0.15
N ASP A 170 -12.25 1.43 -0.03
CA ASP A 170 -10.78 1.22 0.08
C ASP A 170 -10.14 0.51 -1.11
N SER A 171 -10.94 0.08 -2.07
CA SER A 171 -10.46 -0.80 -3.13
C SER A 171 -10.85 -0.28 -4.49
N GLN A 172 -10.14 -0.79 -5.50
CA GLN A 172 -10.27 -0.34 -6.87
C GLN A 172 -11.62 -0.65 -7.48
N ALA A 173 -12.09 -1.86 -7.26
CA ALA A 173 -13.39 -2.29 -7.77
C ALA A 173 -14.56 -1.57 -7.05
N GLY A 174 -14.37 -1.25 -5.77
CA GLY A 174 -15.35 -0.48 -5.03
C GLY A 174 -15.53 0.93 -5.56
N ILE A 175 -14.39 1.60 -5.83
CA ILE A 175 -14.38 2.97 -6.38
C ILE A 175 -15.19 2.98 -7.70
N GLN A 176 -14.94 1.98 -8.54
CA GLN A 176 -15.55 1.85 -9.85
C GLN A 176 -17.05 1.54 -9.73
N ALA A 177 -17.39 0.73 -8.72
CA ALA A 177 -18.79 0.50 -8.38
C ALA A 177 -19.50 1.76 -7.94
N ILE A 178 -18.85 2.58 -7.10
CA ILE A 178 -19.43 3.88 -6.67
C ILE A 178 -19.60 4.79 -7.89
N LYS A 179 -18.51 4.88 -8.68
CA LYS A 179 -18.51 5.61 -9.94
C LYS A 179 -19.62 5.20 -10.90
N ASP A 180 -19.83 3.90 -11.15
CA ASP A 180 -20.89 3.50 -12.09
C ASP A 180 -22.31 3.53 -11.50
N SER A 181 -22.46 3.68 -10.18
CA SER A 181 -23.78 3.84 -9.58
C SER A 181 -24.36 5.25 -9.73
N GLY A 182 -23.48 6.23 -10.02
CA GLY A 182 -23.80 7.68 -10.04
C GLY A 182 -23.40 8.45 -8.78
N ALA A 183 -23.07 7.71 -7.72
CA ALA A 183 -22.62 8.30 -6.46
C ALA A 183 -21.22 8.88 -6.63
N LEU A 184 -20.84 9.77 -5.71
CA LEU A 184 -19.50 10.40 -5.61
C LEU A 184 -18.59 9.59 -4.66
N PRO A 185 -17.47 9.06 -5.14
CA PRO A 185 -16.57 8.31 -4.29
C PRO A 185 -15.57 9.20 -3.54
N ILE A 186 -15.34 8.89 -2.26
CA ILE A 186 -14.16 9.38 -1.57
C ILE A 186 -13.36 8.17 -1.08
N GLY A 187 -12.14 8.02 -1.60
CA GLY A 187 -11.29 6.88 -1.31
C GLY A 187 -10.48 6.96 -0.03
N VAL A 188 -10.11 5.79 0.50
CA VAL A 188 -9.14 5.68 1.59
C VAL A 188 -8.07 4.67 1.15
N GLY A 189 -6.89 5.21 0.88
CA GLY A 189 -5.73 4.44 0.45
C GLY A 189 -4.72 5.32 -0.24
N ARG A 190 -4.15 4.77 -1.29
CA ARG A 190 -3.16 5.44 -2.08
C ARG A 190 -3.70 5.63 -3.50
N PRO A 191 -3.42 6.80 -4.14
CA PRO A 191 -3.82 6.97 -5.55
C PRO A 191 -3.17 5.97 -6.51
N GLU A 192 -2.03 5.43 -6.11
CA GLU A 192 -1.38 4.27 -6.74
C GLU A 192 -2.37 3.14 -6.96
N ASP A 193 -3.21 2.88 -5.96
CA ASP A 193 -4.16 1.78 -5.97
C ASP A 193 -5.52 2.15 -6.56
N LEU A 194 -6.05 3.31 -6.17
CA LEU A 194 -7.45 3.68 -6.40
C LEU A 194 -7.73 4.62 -7.57
N GLY A 195 -6.79 5.54 -7.84
CA GLY A 195 -6.85 6.45 -9.01
C GLY A 195 -6.45 7.86 -8.64
N ASP A 196 -6.08 8.68 -9.61
CA ASP A 196 -5.84 10.11 -9.32
C ASP A 196 -6.89 11.04 -9.93
N ASP A 197 -7.97 10.46 -10.44
CA ASP A 197 -9.13 11.23 -10.87
C ASP A 197 -10.15 11.39 -9.74
N ILE A 198 -9.85 10.96 -8.50
CA ILE A 198 -10.83 11.06 -7.39
C ILE A 198 -10.19 11.52 -6.09
N VAL A 199 -11.01 11.95 -5.16
CA VAL A 199 -10.51 12.46 -3.90
C VAL A 199 -10.28 11.28 -2.97
N ILE A 200 -9.04 11.16 -2.48
CA ILE A 200 -8.62 10.10 -1.57
C ILE A 200 -8.05 10.72 -0.31
N VAL A 201 -8.37 10.16 0.85
CA VAL A 201 -7.71 10.50 2.12
C VAL A 201 -6.70 9.39 2.44
N PRO A 202 -5.65 9.68 3.25
CA PRO A 202 -4.66 8.63 3.58
C PRO A 202 -5.12 7.65 4.65
N ASP A 203 -6.01 8.08 5.53
CA ASP A 203 -6.68 7.15 6.45
C ASP A 203 -8.05 7.70 6.86
N THR A 204 -8.77 6.91 7.66
CA THR A 204 -10.14 7.18 8.01
C THR A 204 -10.34 8.36 8.99
N SER A 205 -9.28 8.76 9.70
CA SER A 205 -9.31 9.97 10.54
C SER A 205 -9.70 11.20 9.75
N HIS A 206 -9.32 11.23 8.48
CA HIS A 206 -9.63 12.35 7.61
C HIS A 206 -11.05 12.43 7.04
N TYR A 207 -11.84 11.37 7.21
CA TYR A 207 -13.24 11.34 6.79
C TYR A 207 -14.07 12.01 7.89
N THR A 208 -14.18 13.33 7.80
CA THR A 208 -15.04 14.13 8.67
C THR A 208 -16.26 14.62 7.90
N LEU A 209 -17.34 14.91 8.62
CA LEU A 209 -18.50 15.53 8.00
C LEU A 209 -18.07 16.79 7.23
N GLU A 210 -17.34 17.69 7.88
CA GLU A 210 -16.89 18.92 7.21
C GLU A 210 -16.09 18.63 5.93
N PHE A 211 -15.24 17.59 5.95
CA PHE A 211 -14.44 17.24 4.74
C PHE A 211 -15.32 16.70 3.60
N LEU A 212 -16.24 15.81 3.95
CA LEU A 212 -17.21 15.35 2.95
C LEU A 212 -18.10 16.48 2.40
N LYS A 213 -18.48 17.46 3.23
CA LYS A 213 -19.22 18.64 2.74
C LYS A 213 -18.34 19.44 1.79
N GLU A 214 -17.09 19.71 2.21
CA GLU A 214 -16.11 20.36 1.33
C GLU A 214 -15.99 19.70 -0.03
N VAL A 215 -15.88 18.37 -0.04
CA VAL A 215 -15.73 17.63 -1.31
C VAL A 215 -17.01 17.69 -2.16
N TRP A 216 -18.16 17.48 -1.54
CA TRP A 216 -19.40 17.57 -2.26
C TRP A 216 -19.51 18.96 -2.93
N LEU A 217 -19.34 20.02 -2.13
CA LEU A 217 -19.51 21.42 -2.55
C LEU A 217 -18.57 21.85 -3.70
N GLN A 218 -18.97 21.60 -4.95
CA GLN A 218 -18.18 21.93 -6.17
C GLN A 218 -19.03 22.78 -7.17
N MET B 1 26.34 -7.47 18.76
CA MET B 1 25.55 -6.28 18.31
C MET B 1 25.99 -5.84 16.92
N PHE B 2 25.02 -5.32 16.16
CA PHE B 2 25.25 -4.88 14.79
C PHE B 2 26.17 -3.68 14.79
N LYS B 3 27.00 -3.63 13.75
CA LYS B 3 28.06 -2.64 13.60
C LYS B 3 27.70 -1.50 12.63
N ALA B 4 26.66 -1.71 11.82
CA ALA B 4 26.35 -0.75 10.77
C ALA B 4 24.92 -0.81 10.36
N VAL B 5 24.42 0.30 9.86
CA VAL B 5 23.10 0.34 9.20
C VAL B 5 23.23 0.83 7.76
N LEU B 6 22.55 0.15 6.86
CA LEU B 6 22.63 0.43 5.45
C LEU B 6 21.23 0.95 5.03
N PHE B 7 21.18 2.23 4.68
CA PHE B 7 19.92 2.95 4.49
C PHE B 7 19.68 3.06 3.01
N PHD B 8 18.49 2.67 2.59
CA PHD B 8 17.90 3.14 1.34
C PHD B 8 17.57 4.62 1.54
O PHD B 8 17.55 5.10 2.69
CB PHD B 8 16.71 2.21 1.15
CG PHD B 8 16.05 2.47 -0.17
OD1 PHD B 8 16.78 2.49 -1.43
OD2 PHD B 8 14.84 2.62 -0.16
P PHD B 8 16.34 3.46 -2.67
OP1 PHD B 8 16.95 4.78 -2.31
OP2 PHD B 8 14.83 3.47 -2.73
OP3 PHD B 8 16.98 2.79 -3.87
N LEU B 9 17.35 5.35 0.44
CA LEU B 9 16.94 6.78 0.48
C LEU B 9 15.43 6.97 0.23
N ASP B 10 14.95 6.83 -1.00
CA ASP B 10 13.50 6.93 -1.29
C ASP B 10 12.64 5.94 -0.47
N GLY B 11 11.73 6.46 0.35
CA GLY B 11 10.78 5.63 1.09
C GLY B 11 11.26 5.28 2.49
N VAL B 12 12.53 5.56 2.79
CA VAL B 12 13.04 5.50 4.12
C VAL B 12 13.48 6.88 4.64
N ILE B 13 14.47 7.50 3.99
CA ILE B 13 14.98 8.81 4.41
C ILE B 13 14.02 9.93 3.97
N THR B 14 13.62 9.92 2.70
CA THR B 14 12.57 10.85 2.21
C THR B 14 11.81 10.28 0.98
N ASP B 15 11.02 11.09 0.28
CA ASP B 15 10.29 10.67 -0.96
C ASP B 15 10.88 11.32 -2.18
N THR B 16 11.49 10.53 -3.05
CA THR B 16 11.81 10.96 -4.41
C THR B 16 10.69 10.55 -5.35
N ALA B 17 9.98 9.47 -5.03
CA ALA B 17 9.05 8.88 -5.99
C ALA B 17 8.07 9.88 -6.59
N GLU B 18 7.71 10.91 -5.85
CA GLU B 18 6.66 11.82 -6.31
C GLU B 18 7.16 12.75 -7.40
N TYR B 19 8.39 13.20 -7.25
CA TYR B 19 9.00 14.11 -8.22
C TYR B 19 9.26 13.34 -9.50
N HIS B 20 9.73 12.10 -9.39
CA HIS B 20 9.90 11.24 -10.58
C HIS B 20 8.63 11.19 -11.42
N PHE B 21 7.52 10.89 -10.76
CA PHE B 21 6.20 10.77 -11.40
C PHE B 21 5.78 12.04 -12.16
N ARG B 22 5.90 13.17 -11.50
CA ARG B 22 5.55 14.46 -12.11
C ARG B 22 6.36 14.68 -13.38
N ALA B 23 7.64 14.31 -13.30
CA ALA B 23 8.53 14.44 -14.43
C ALA B 23 8.08 13.53 -15.59
N TRP B 24 7.81 12.27 -15.29
CA TRP B 24 7.28 11.38 -16.31
C TRP B 24 5.91 11.84 -16.85
N LYS B 25 5.08 12.39 -15.98
CA LYS B 25 3.72 12.82 -16.35
C LYS B 25 3.79 14.02 -17.29
N ALA B 26 4.48 15.05 -16.84
CA ALA B 26 4.80 16.22 -17.65
C ALA B 26 5.41 15.87 -19.04
N LEU B 27 6.24 14.84 -19.10
CA LEU B 27 6.81 14.40 -20.38
C LEU B 27 5.72 13.76 -21.24
N ALA B 28 4.90 12.91 -20.63
CA ALA B 28 3.83 12.22 -21.34
C ALA B 28 2.84 13.19 -21.98
N GLU B 29 2.58 14.31 -21.29
CA GLU B 29 1.67 15.32 -21.79
C GLU B 29 2.22 16.04 -23.03
N GLU B 30 3.51 16.34 -23.02
CA GLU B 30 4.13 17.12 -24.08
C GLU B 30 4.27 16.35 -25.39
N ILE B 31 4.71 15.10 -25.33
CA ILE B 31 4.70 14.23 -26.54
C ILE B 31 3.31 13.65 -26.84
N GLY B 32 2.37 13.82 -25.92
CA GLY B 32 0.95 13.67 -26.20
C GLY B 32 0.41 12.26 -26.01
N ILE B 33 0.83 11.60 -24.93
CA ILE B 33 0.38 10.26 -24.58
C ILE B 33 -0.52 10.36 -23.35
N ASN B 34 -1.65 9.66 -23.40
CA ASN B 34 -2.57 9.52 -22.26
C ASN B 34 -2.19 8.31 -21.39
N GLY B 35 -2.59 8.38 -20.12
CA GLY B 35 -2.49 7.24 -19.21
C GLY B 35 -1.30 7.15 -18.27
N VAL B 36 -0.47 8.19 -18.20
CA VAL B 36 0.63 8.23 -17.23
C VAL B 36 0.14 8.82 -15.90
N ASP B 37 -0.62 7.99 -15.20
CA ASP B 37 -1.13 8.31 -13.86
C ASP B 37 -0.24 7.61 -12.81
N ARG B 38 -0.54 7.83 -11.54
CA ARG B 38 0.24 7.20 -10.45
C ARG B 38 0.12 5.68 -10.43
N GLN B 39 -1.02 5.19 -10.88
CA GLN B 39 -1.30 3.76 -10.95
C GLN B 39 -0.32 3.15 -11.94
N PHE B 40 -0.17 3.81 -13.10
CA PHE B 40 0.78 3.36 -14.13
C PHE B 40 2.24 3.43 -13.66
N ASN B 41 2.56 4.50 -12.94
CA ASN B 41 3.91 4.80 -12.44
C ASN B 41 4.44 3.69 -11.51
N GLU B 42 3.54 2.87 -10.96
CA GLU B 42 3.96 1.67 -10.23
C GLU B 42 4.74 0.67 -11.10
N GLN B 43 4.39 0.57 -12.38
CA GLN B 43 5.20 -0.21 -13.34
C GLN B 43 6.62 0.34 -13.60
N LEU B 44 6.83 1.63 -13.30
CA LEU B 44 8.13 2.33 -13.42
C LEU B 44 9.02 2.31 -12.17
N LYS B 45 8.50 1.85 -11.02
CA LYS B 45 9.16 2.19 -9.75
C LYS B 45 10.61 1.74 -9.64
N GLY B 46 10.88 0.47 -9.93
CA GLY B 46 12.25 -0.01 -9.89
C GLY B 46 12.98 -0.10 -11.23
N VAL B 47 12.44 0.55 -12.26
CA VAL B 47 12.86 0.30 -13.65
C VAL B 47 13.88 1.36 -14.08
N SER B 48 14.78 1.01 -15.00
CA SER B 48 15.76 1.99 -15.51
C SER B 48 15.07 3.18 -16.21
N ARG B 49 15.81 4.25 -16.37
CA ARG B 49 15.28 5.45 -17.00
C ARG B 49 14.77 5.15 -18.43
N GLU B 50 15.54 4.34 -19.15
CA GLU B 50 15.33 4.05 -20.56
C GLU B 50 14.17 3.09 -20.76
N ASP B 51 14.20 1.98 -20.03
CA ASP B 51 13.08 1.04 -19.98
C ASP B 51 11.76 1.74 -19.60
N SER B 52 11.83 2.73 -18.71
CA SER B 52 10.63 3.41 -18.23
C SER B 52 9.99 4.18 -19.37
N LEU B 53 10.81 5.00 -20.03
CA LEU B 53 10.41 5.77 -21.21
C LEU B 53 9.75 4.89 -22.25
N GLN B 54 10.41 3.78 -22.57
CA GLN B 54 9.91 2.77 -23.50
C GLN B 54 8.48 2.37 -23.10
N LYS B 55 8.27 2.06 -21.82
CA LYS B 55 6.94 1.65 -21.32
C LYS B 55 5.86 2.73 -21.54
N ILE B 56 6.26 4.00 -21.39
CA ILE B 56 5.38 5.12 -21.67
C ILE B 56 5.04 5.15 -23.17
N LEU B 57 6.06 5.09 -24.02
CA LEU B 57 5.85 5.03 -25.48
C LEU B 57 4.87 3.90 -25.87
N ASP B 58 5.14 2.69 -25.37
CA ASP B 58 4.29 1.49 -25.62
C ASP B 58 2.77 1.66 -25.31
N LEU B 59 2.44 2.50 -24.33
CA LEU B 59 1.03 2.87 -24.09
C LEU B 59 0.31 3.33 -25.35
N ALA B 60 1.03 4.07 -26.20
CA ALA B 60 0.50 4.61 -27.45
C ALA B 60 1.34 4.24 -28.69
N ASP B 61 1.92 3.03 -28.69
CA ASP B 61 2.85 2.56 -29.75
C ASP B 61 4.08 3.45 -30.05
N LYS B 62 3.82 4.63 -30.62
CA LYS B 62 4.79 5.72 -30.80
C LYS B 62 6.27 5.34 -30.77
N LYS B 63 6.86 5.15 -31.96
CA LYS B 63 8.31 5.01 -32.10
C LYS B 63 8.96 6.37 -32.24
N VAL B 64 10.20 6.47 -31.77
CA VAL B 64 10.95 7.72 -31.86
C VAL B 64 12.34 7.46 -32.41
N SER B 65 13.02 8.55 -32.74
CA SER B 65 14.40 8.49 -33.18
C SER B 65 15.29 8.10 -32.02
N ALA B 66 16.48 7.61 -32.35
CA ALA B 66 17.50 7.34 -31.34
C ALA B 66 17.90 8.62 -30.58
N GLU B 67 18.09 9.71 -31.34
CA GLU B 67 18.47 11.01 -30.75
C GLU B 67 17.34 11.56 -29.88
N GLU B 68 16.11 11.49 -30.38
CA GLU B 68 14.97 12.01 -29.62
C GLU B 68 14.69 11.18 -28.36
N PHE B 69 14.84 9.86 -28.46
CA PHE B 69 14.71 8.99 -27.30
C PHE B 69 15.67 9.48 -26.20
N LYS B 70 16.94 9.69 -26.58
CA LYS B 70 17.94 10.25 -25.66
C LYS B 70 17.60 11.66 -25.13
N GLU B 71 16.98 12.50 -25.97
CA GLU B 71 16.54 13.84 -25.51
C GLU B 71 15.25 13.80 -24.65
N LEU B 72 14.31 12.92 -25.02
CA LEU B 72 13.12 12.69 -24.20
C LEU B 72 13.53 12.24 -22.80
N ALA B 73 14.31 11.17 -22.73
CA ALA B 73 14.85 10.67 -21.47
C ALA B 73 15.67 11.72 -20.67
N LYS B 74 16.43 12.53 -21.38
CA LYS B 74 17.21 13.62 -20.78
C LYS B 74 16.33 14.75 -20.25
N ARG B 75 15.43 15.23 -21.09
CA ARG B 75 14.48 16.29 -20.71
C ARG B 75 13.79 15.94 -19.38
N LYS B 76 13.33 14.70 -19.28
CA LYS B 76 12.74 14.19 -18.04
C LYS B 76 13.72 14.26 -16.90
N ASN B 77 14.95 13.77 -17.10
CA ASN B 77 15.94 13.84 -16.02
C ASN B 77 16.21 15.28 -15.55
N ASP B 78 16.34 16.21 -16.50
CA ASP B 78 16.62 17.59 -16.15
C ASP B 78 15.50 18.13 -15.30
N ASN B 79 14.25 17.78 -15.65
CA ASN B 79 13.09 18.25 -14.93
C ASN B 79 13.04 17.70 -13.50
N TYR B 80 13.35 16.40 -13.37
CA TYR B 80 13.54 15.77 -12.05
C TYR B 80 14.59 16.52 -11.21
N VAL B 81 15.81 16.66 -11.77
CA VAL B 81 16.88 17.44 -11.10
C VAL B 81 16.41 18.88 -10.71
N LYS B 82 15.59 19.52 -11.55
CA LYS B 82 15.00 20.83 -11.16
C LYS B 82 14.09 20.68 -9.96
N MET B 83 13.23 19.67 -9.98
CA MET B 83 12.28 19.48 -8.93
C MET B 83 12.91 19.21 -7.56
N ILE B 84 13.92 18.34 -7.50
CA ILE B 84 14.55 18.07 -6.20
C ILE B 84 15.41 19.21 -5.61
N GLN B 85 15.53 20.35 -6.32
CA GLN B 85 16.35 21.44 -5.83
C GLN B 85 15.89 22.01 -4.49
N ASP B 86 14.59 21.92 -4.18
CA ASP B 86 14.04 22.50 -2.96
C ASP B 86 13.95 21.48 -1.82
N VAL B 87 14.62 20.34 -1.97
CA VAL B 87 14.68 19.35 -0.90
C VAL B 87 15.42 19.96 0.30
N SER B 88 14.87 19.73 1.49
CA SER B 88 15.35 20.39 2.72
C SER B 88 15.23 19.46 3.96
N PRO B 89 15.88 19.82 5.10
CA PRO B 89 15.73 18.99 6.31
C PRO B 89 14.28 18.76 6.72
N ALA B 90 13.40 19.68 6.34
CA ALA B 90 11.96 19.52 6.57
C ALA B 90 11.37 18.27 5.90
N ASP B 91 11.94 17.89 4.76
CA ASP B 91 11.52 16.71 4.01
C ASP B 91 12.06 15.37 4.55
N VAL B 92 12.87 15.37 5.62
CA VAL B 92 13.34 14.14 6.30
C VAL B 92 12.18 13.43 7.00
N TYR B 93 11.95 12.19 6.64
CA TYR B 93 10.90 11.37 7.25
C TYR B 93 11.05 11.29 8.78
N PRO B 94 9.94 11.06 9.51
CA PRO B 94 9.99 11.11 10.99
C PRO B 94 10.82 10.00 11.60
N GLY B 95 11.47 10.31 12.73
CA GLY B 95 12.35 9.37 13.40
C GLY B 95 13.74 9.24 12.79
N ILE B 96 13.90 9.63 11.53
CA ILE B 96 15.13 9.32 10.82
C ILE B 96 16.32 10.10 11.39
N LEU B 97 16.17 11.40 11.62
CA LEU B 97 17.26 12.18 12.17
C LEU B 97 17.64 11.58 13.51
N GLN B 98 16.65 11.34 14.35
CA GLN B 98 16.91 10.92 15.73
C GLN B 98 17.67 9.58 15.74
N LEU B 99 17.35 8.73 14.77
CA LEU B 99 18.03 7.45 14.62
C LEU B 99 19.46 7.66 14.19
N LEU B 100 19.67 8.47 13.15
CA LEU B 100 21.03 8.71 12.64
C LEU B 100 21.97 9.20 13.78
N LYS B 101 21.42 10.06 14.64
CA LYS B 101 22.14 10.64 15.77
C LYS B 101 22.49 9.59 16.80
N ASP B 102 21.53 8.73 17.12
CA ASP B 102 21.73 7.71 18.15
C ASP B 102 22.80 6.73 17.69
N LEU B 103 22.71 6.30 16.43
CA LEU B 103 23.71 5.38 15.84
C LEU B 103 25.10 5.99 15.88
N ARG B 104 25.20 7.26 15.47
CA ARG B 104 26.46 8.03 15.54
C ARG B 104 27.04 8.01 16.94
N SER B 105 26.21 8.39 17.92
CA SER B 105 26.67 8.46 19.31
C SER B 105 27.06 7.07 19.87
N ASN B 106 26.34 6.02 19.46
CA ASN B 106 26.70 4.64 19.80
C ASN B 106 27.79 4.04 18.87
N LYS B 107 28.42 4.86 18.03
CA LYS B 107 29.54 4.45 17.15
C LYS B 107 29.21 3.33 16.14
N ILE B 108 27.95 3.29 15.71
CA ILE B 108 27.45 2.32 14.72
C ILE B 108 27.59 3.00 13.38
N LYS B 109 28.25 2.30 12.44
CA LYS B 109 28.56 2.85 11.10
C LYS B 109 27.27 3.08 10.28
N ILE B 110 27.30 4.06 9.39
CA ILE B 110 26.10 4.45 8.62
C ILE B 110 26.47 4.61 7.15
N ALA B 111 25.68 3.98 6.28
CA ALA B 111 25.96 3.89 4.83
C ALA B 111 24.68 4.01 4.01
N LEU B 112 24.77 4.68 2.88
CA LEU B 112 23.64 4.77 1.96
C LEU B 112 23.84 3.67 0.95
N ALA B 113 22.79 2.87 0.80
CA ALA B 113 22.72 1.85 -0.24
C ALA B 113 21.48 2.20 -1.05
N SER B 114 21.59 3.26 -1.86
CA SER B 114 20.48 3.76 -2.67
C SER B 114 20.75 3.61 -4.14
N ALA B 115 19.66 3.42 -4.88
CA ALA B 115 19.65 3.42 -6.34
C ALA B 115 19.78 4.84 -6.90
N SER B 116 19.49 5.87 -6.09
CA SER B 116 19.50 7.25 -6.59
C SER B 116 20.88 7.73 -7.01
N LYS B 117 21.00 8.12 -8.28
CA LYS B 117 22.21 8.79 -8.78
C LYS B 117 22.42 10.13 -8.11
N ASN B 118 21.41 10.63 -7.37
CA ASN B 118 21.46 11.92 -6.69
C ASN B 118 21.63 11.82 -5.18
N GLY B 119 22.02 10.63 -4.70
CA GLY B 119 22.17 10.39 -3.26
C GLY B 119 22.92 11.46 -2.51
N PRO B 120 24.19 11.73 -2.92
CA PRO B 120 25.04 12.63 -2.15
C PRO B 120 24.49 14.03 -2.12
N PHE B 121 24.10 14.52 -3.28
CA PHE B 121 23.30 15.75 -3.37
C PHE B 121 22.14 15.79 -2.35
N LEU B 122 21.26 14.80 -2.42
CA LEU B 122 20.10 14.79 -1.54
C LEU B 122 20.46 14.86 -0.05
N LEU B 123 21.55 14.17 0.31
CA LEU B 123 21.96 14.15 1.70
C LEU B 123 22.52 15.48 2.06
N GLU B 124 23.17 16.17 1.12
CA GLU B 124 23.60 17.57 1.37
C GLU B 124 22.38 18.48 1.62
N ARG B 125 21.37 18.38 0.76
CA ARG B 125 20.14 19.18 0.88
C ARG B 125 19.40 19.00 2.22
N MET B 126 19.43 17.76 2.73
CA MET B 126 18.77 17.41 3.98
C MET B 126 19.66 17.60 5.22
N ASN B 127 20.88 18.11 5.00
CA ASN B 127 21.88 18.33 6.05
C ASN B 127 22.10 17.02 6.84
N LEU B 128 22.29 15.92 6.08
CA LEU B 128 22.54 14.59 6.68
C LEU B 128 23.93 14.04 6.41
N THR B 129 24.67 14.63 5.47
CA THR B 129 25.99 14.14 5.05
C THR B 129 26.89 13.85 6.26
N GLY B 130 26.80 14.68 7.29
CA GLY B 130 27.61 14.49 8.49
C GLY B 130 27.42 13.14 9.17
N TYR B 131 26.21 12.60 9.13
CA TYR B 131 25.94 11.32 9.83
C TYR B 131 26.47 10.11 9.06
N PHE B 132 26.78 10.29 7.77
CA PHE B 132 27.12 9.19 6.86
C PHE B 132 28.62 8.93 6.67
N ASP B 133 29.04 7.73 7.05
CA ASP B 133 30.41 7.28 6.89
C ASP B 133 30.73 6.82 5.47
N ALA B 134 29.72 6.45 4.68
CA ALA B 134 29.90 6.18 3.23
C ALA B 134 28.61 6.15 2.43
N ILE B 135 28.76 6.30 1.12
CA ILE B 135 27.67 6.22 0.14
C ILE B 135 28.11 5.23 -0.93
N ALA B 136 27.34 4.16 -1.15
CA ALA B 136 27.63 3.26 -2.27
C ALA B 136 27.23 3.92 -3.61
N ASP B 137 28.13 3.91 -4.58
CA ASP B 137 27.83 4.46 -5.89
C ASP B 137 27.00 3.45 -6.65
N PRO B 138 25.74 3.80 -6.97
CA PRO B 138 24.96 2.88 -7.82
C PRO B 138 25.50 2.73 -9.25
N ALA B 139 26.28 3.71 -9.70
CA ALA B 139 27.00 3.61 -10.98
C ALA B 139 28.13 2.54 -11.00
N GLU B 140 28.65 2.19 -9.84
CA GLU B 140 29.75 1.25 -9.76
C GLU B 140 29.35 -0.20 -9.50
N VAL B 141 28.06 -0.49 -9.30
CA VAL B 141 27.63 -1.88 -9.05
C VAL B 141 27.26 -2.54 -10.35
N ALA B 142 27.54 -3.83 -10.45
CA ALA B 142 27.31 -4.60 -11.69
C ALA B 142 25.87 -4.86 -11.96
N ALA B 143 25.04 -4.91 -10.93
CA ALA B 143 23.62 -5.24 -11.08
C ALA B 143 22.85 -4.48 -10.02
N SER B 144 21.70 -3.91 -10.39
CA SER B 144 20.92 -3.16 -9.43
C SER B 144 19.97 -4.12 -8.71
N LYS B 145 19.24 -3.57 -7.74
CA LYS B 145 18.33 -4.37 -6.91
C LYS B 145 17.31 -5.07 -7.83
N PRO B 146 16.92 -6.31 -7.57
CA PRO B 146 17.13 -7.05 -6.31
C PRO B 146 18.49 -7.77 -6.10
N ALA B 147 19.48 -7.53 -6.94
CA ALA B 147 20.82 -8.02 -6.67
C ALA B 147 21.33 -7.38 -5.39
N PRO B 148 22.09 -8.14 -4.56
CA PRO B 148 22.60 -7.57 -3.31
C PRO B 148 23.76 -6.58 -3.48
N ASP B 149 24.30 -6.43 -4.69
CA ASP B 149 25.57 -5.74 -4.92
C ASP B 149 25.74 -4.45 -4.10
N ILE B 150 24.68 -3.64 -4.12
CA ILE B 150 24.64 -2.31 -3.50
C ILE B 150 24.78 -2.35 -1.98
N PHE B 151 24.13 -3.32 -1.31
CA PHE B 151 24.23 -3.43 0.16
C PHE B 151 25.60 -3.94 0.57
N ILE B 152 26.19 -4.80 -0.26
CA ILE B 152 27.53 -5.35 -0.05
C ILE B 152 28.57 -4.25 0.01
N ALA B 153 28.57 -3.45 -1.06
CA ALA B 153 29.41 -2.28 -1.18
C ALA B 153 29.14 -1.25 -0.06
N ALA B 154 27.89 -1.03 0.31
CA ALA B 154 27.59 -0.07 1.39
C ALA B 154 28.24 -0.51 2.71
N ALA B 155 28.15 -1.81 3.01
CA ALA B 155 28.80 -2.40 4.20
C ALA B 155 30.31 -2.35 4.09
N HIS B 156 30.85 -2.93 3.02
CA HIS B 156 32.33 -2.94 2.82
C HIS B 156 32.96 -1.55 2.94
N ALA B 157 32.28 -0.55 2.38
CA ALA B 157 32.75 0.83 2.31
C ALA B 157 32.95 1.43 3.69
N VAL B 158 32.18 0.93 4.66
CA VAL B 158 32.35 1.34 6.04
C VAL B 158 33.09 0.30 6.90
N GLY B 159 33.73 -0.67 6.25
CA GLY B 159 34.58 -1.66 6.94
C GLY B 159 33.87 -2.77 7.70
N VAL B 160 32.67 -3.14 7.26
CA VAL B 160 31.91 -4.24 7.89
C VAL B 160 31.41 -5.23 6.81
N ALA B 161 31.18 -6.48 7.22
CA ALA B 161 30.51 -7.47 6.35
C ALA B 161 29.01 -7.22 6.47
N PRO B 162 28.23 -7.49 5.40
CA PRO B 162 26.77 -7.41 5.49
C PRO B 162 26.20 -8.13 6.72
N SER B 163 26.75 -9.31 7.07
CA SER B 163 26.37 -10.07 8.29
C SER B 163 26.53 -9.29 9.62
N GLU B 164 27.32 -8.22 9.61
CA GLU B 164 27.42 -7.30 10.76
C GLU B 164 26.40 -6.12 10.72
N SER B 165 25.52 -6.08 9.71
CA SER B 165 24.69 -4.92 9.43
C SER B 165 23.18 -5.22 9.41
N ILE B 166 22.39 -4.19 9.68
CA ILE B 166 20.96 -4.19 9.42
C ILE B 166 20.75 -3.32 8.19
N GLY B 167 19.76 -3.65 7.36
CA GLY B 167 19.39 -2.81 6.21
C GLY B 167 17.95 -2.34 6.28
N LEU B 168 17.72 -1.06 5.97
CA LEU B 168 16.38 -0.49 6.00
C LEU B 168 15.87 -0.22 4.58
N GLU B 169 14.67 -0.70 4.29
CA GLU B 169 14.14 -0.66 2.92
C GLU B 169 12.65 -0.53 2.90
N ASP B 170 12.11 0.14 1.88
CA ASP B 170 10.65 0.23 1.66
C ASP B 170 10.08 -0.61 0.50
N SER B 171 10.92 -1.34 -0.24
CA SER B 171 10.51 -2.06 -1.47
C SER B 171 10.92 -3.51 -1.41
N GLN B 172 10.18 -4.35 -2.14
CA GLN B 172 10.42 -5.79 -2.17
C GLN B 172 11.76 -6.19 -2.78
N ALA B 173 12.15 -5.55 -3.87
CA ALA B 173 13.47 -5.83 -4.46
C ALA B 173 14.63 -5.35 -3.56
N GLY B 174 14.33 -4.33 -2.73
CA GLY B 174 15.25 -3.85 -1.72
C GLY B 174 15.45 -4.85 -0.58
N ILE B 175 14.35 -5.32 -0.03
CA ILE B 175 14.38 -6.36 1.01
C ILE B 175 15.18 -7.57 0.53
N GLN B 176 14.83 -8.05 -0.67
CA GLN B 176 15.50 -9.19 -1.31
C GLN B 176 16.99 -8.95 -1.50
N ALA B 177 17.38 -7.71 -1.84
CA ALA B 177 18.78 -7.34 -1.91
C ALA B 177 19.48 -7.53 -0.57
N ILE B 178 18.81 -7.09 0.52
CA ILE B 178 19.40 -7.10 1.86
C ILE B 178 19.53 -8.55 2.31
N LYS B 179 18.46 -9.32 2.14
CA LYS B 179 18.52 -10.77 2.37
C LYS B 179 19.74 -11.39 1.70
N ASP B 180 19.87 -11.18 0.40
CA ASP B 180 20.88 -11.87 -0.37
C ASP B 180 22.28 -11.26 -0.21
N SER B 181 22.38 -10.11 0.47
CA SER B 181 23.66 -9.61 0.96
C SER B 181 24.24 -10.40 2.15
N GLY B 182 23.35 -11.00 2.94
CA GLY B 182 23.66 -11.59 4.28
C GLY B 182 23.29 -10.67 5.45
N ALA B 183 22.90 -9.45 5.15
CA ALA B 183 22.46 -8.49 6.15
C ALA B 183 21.04 -8.82 6.59
N LEU B 184 20.63 -8.20 7.70
CA LEU B 184 19.29 -8.34 8.31
C LEU B 184 18.32 -7.21 7.93
N PRO B 185 17.19 -7.54 7.30
CA PRO B 185 16.24 -6.52 6.85
C PRO B 185 15.14 -6.21 7.83
N ILE B 186 14.97 -4.90 8.08
CA ILE B 186 13.79 -4.30 8.68
C ILE B 186 13.12 -3.38 7.63
N GLY B 187 11.94 -3.81 7.18
CA GLY B 187 11.21 -3.10 6.12
C GLY B 187 10.28 -2.02 6.66
N VAL B 188 9.95 -1.06 5.81
CA VAL B 188 8.94 -0.04 6.15
C VAL B 188 7.84 -0.09 5.11
N GLY B 189 6.69 -0.57 5.53
CA GLY B 189 5.52 -0.66 4.67
C GLY B 189 4.51 -1.66 5.18
N ARG B 190 4.04 -2.48 4.26
CA ARG B 190 3.02 -3.48 4.52
C ARG B 190 3.66 -4.85 4.39
N PRO B 191 3.21 -5.82 5.21
CA PRO B 191 3.66 -7.20 4.97
C PRO B 191 3.23 -7.72 3.57
N GLU B 192 2.09 -7.22 3.10
CA GLU B 192 1.50 -7.63 1.83
C GLU B 192 2.43 -7.32 0.67
N ASP B 193 3.16 -6.19 0.74
CA ASP B 193 4.12 -5.81 -0.31
C ASP B 193 5.48 -6.52 -0.14
N LEU B 194 6.01 -6.53 1.08
CA LEU B 194 7.43 -6.83 1.33
C LEU B 194 7.71 -8.20 1.96
N GLY B 195 6.68 -8.95 2.32
CA GLY B 195 6.82 -10.33 2.81
C GLY B 195 6.54 -10.36 4.29
N ASP B 196 6.25 -11.54 4.83
CA ASP B 196 6.08 -11.63 6.28
C ASP B 196 7.02 -12.66 6.95
N ASP B 197 8.07 -13.07 6.25
CA ASP B 197 9.19 -13.78 6.89
C ASP B 197 10.12 -12.80 7.64
N ILE B 198 10.09 -11.51 7.25
CA ILE B 198 10.89 -10.45 7.87
C ILE B 198 10.04 -9.50 8.70
N VAL B 199 10.69 -8.75 9.57
CA VAL B 199 10.02 -7.78 10.46
C VAL B 199 9.80 -6.47 9.71
N ILE B 200 8.61 -5.89 9.85
CA ILE B 200 8.21 -4.66 9.16
C ILE B 200 7.49 -3.71 10.11
N VAL B 201 7.87 -2.44 10.07
CA VAL B 201 7.17 -1.38 10.80
C VAL B 201 6.29 -0.58 9.84
N PRO B 202 5.17 -0.02 10.31
CA PRO B 202 4.24 0.65 9.37
C PRO B 202 4.74 2.02 8.87
N ASP B 203 5.59 2.68 9.65
CA ASP B 203 6.26 3.90 9.21
C ASP B 203 7.62 4.08 9.91
N THR B 204 8.36 5.07 9.41
CA THR B 204 9.71 5.35 9.85
C THR B 204 9.82 5.86 11.30
N SER B 205 8.74 6.39 11.86
CA SER B 205 8.73 6.74 13.30
C SER B 205 8.99 5.52 14.22
N HIS B 206 8.71 4.31 13.75
CA HIS B 206 9.00 3.09 14.53
C HIS B 206 10.47 2.58 14.44
N TYR B 207 11.28 3.19 13.58
CA TYR B 207 12.65 2.72 13.32
C TYR B 207 13.48 3.42 14.37
N THR B 208 13.67 2.78 15.51
CA THR B 208 14.42 3.34 16.65
C THR B 208 15.60 2.42 17.00
N LEU B 209 16.67 3.03 17.50
CA LEU B 209 17.83 2.27 17.96
C LEU B 209 17.41 1.11 18.84
N GLU B 210 16.48 1.37 19.76
CA GLU B 210 16.07 0.35 20.72
C GLU B 210 15.36 -0.77 20.01
N PHE B 211 14.52 -0.43 19.04
CA PHE B 211 13.74 -1.42 18.26
C PHE B 211 14.67 -2.23 17.34
N LEU B 212 15.54 -1.54 16.61
CA LEU B 212 16.57 -2.22 15.84
C LEU B 212 17.34 -3.25 16.69
N LYS B 213 17.74 -2.85 17.91
CA LYS B 213 18.45 -3.73 18.83
C LYS B 213 17.59 -4.92 19.27
N GLU B 214 16.31 -4.68 19.53
CA GLU B 214 15.36 -5.76 19.82
C GLU B 214 15.21 -6.71 18.64
N VAL B 215 15.21 -6.20 17.42
CA VAL B 215 15.15 -7.11 16.26
C VAL B 215 16.44 -7.94 16.06
N TRP B 216 17.61 -7.34 16.32
CA TRP B 216 18.87 -8.02 16.09
C TRP B 216 18.97 -9.20 17.04
N LEU B 217 18.72 -8.97 18.33
CA LEU B 217 18.46 -10.05 19.32
C LEU B 217 17.68 -11.30 18.82
N GLN B 218 16.63 -11.10 18.01
CA GLN B 218 15.79 -12.19 17.48
C GLN B 218 16.08 -12.34 15.97
MG MG C . -13.33 -2.82 1.50
C1 UVW D . -15.55 -13.10 0.17
O1 UVW D . -14.36 -13.01 -0.08
C1M UVW D . -16.34 -11.92 0.64
O2 UVW D . -16.22 -14.40 -0.04
P UVW D . -16.79 -15.40 1.12
O1P UVW D . -15.72 -16.46 1.28
O2P UVW D . -16.98 -14.54 2.35
O3P UVW D . -18.08 -15.95 0.54
MG MG E . 13.27 2.88 -1.44
C1 EDO F . 12.74 6.09 -13.05
O1 EDO F . 13.61 6.81 -13.95
C2 EDO F . 13.54 5.36 -11.96
O2 EDO F . 12.85 4.15 -11.59
C1 UVW G . 17.88 8.35 -10.42
O1 UVW G . 18.96 7.78 -10.35
C1M UVW G . 17.18 8.86 -9.19
O2 UVW G . 17.28 8.57 -11.75
P UVW G . 17.27 7.49 -12.97
O1P UVW G . 17.10 6.10 -12.37
O2P UVW G . 16.08 7.99 -13.74
O3P UVW G . 18.58 7.68 -13.70
#